data_4I60
#
_entry.id   4I60
#
_cell.length_a   60.220
_cell.length_b   60.220
_cell.length_c   62.470
_cell.angle_alpha   90.00
_cell.angle_beta   90.00
_cell.angle_gamma   90.00
#
_symmetry.space_group_name_H-M   'P 42 21 2'
#
loop_
_entity.id
_entity.type
_entity.pdbx_description
1 polymer Avidin
2 branched 2-acetamido-2-deoxy-beta-D-glucopyranose-(1-4)-2-acetamido-2-deoxy-beta-D-glucopyranose
3 non-polymer [(1,2,3,4,5-eta)-cyclopentadienyl][(1,2,3,4,5-eta)-{5-[(3aS,4S,6aR)-2-oxohexahydro-1H-thieno[3,4-d]imidazol-4-yl]pentanoyl}cyclopentadienyl]ruthenium
4 water water
#
_entity_poly.entity_id   1
_entity_poly.type   'polypeptide(L)'
_entity_poly.pdbx_seq_one_letter_code
;ARKCSLTGKWTNDLGSNMTIGAVNSKGEFTGTYTTAVTATSNEIKESPLHGTQNTINKRTQPTFGFTVNWKFSESTTVFT
GQCFIDRNGKEVLKTMWLLRSSVNDIGDDWKATRVGINIFTRLRTQKE
;
_entity_poly.pdbx_strand_id   A
#
# COMPACT_ATOMS: atom_id res chain seq x y z
N ALA A 1 16.54 5.81 0.86
CA ALA A 1 15.64 5.88 -0.33
C ALA A 1 15.75 7.24 -1.03
N ARG A 2 16.05 7.22 -2.33
CA ARG A 2 15.99 8.41 -3.18
C ARG A 2 14.61 9.04 -2.95
N LYS A 3 14.57 10.38 -3.00
CA LYS A 3 13.34 11.16 -2.77
C LYS A 3 12.32 10.48 -3.68
N CYS A 4 11.31 9.91 -3.00
CA CYS A 4 10.21 9.19 -3.57
C CYS A 4 10.30 7.73 -3.91
N SER A 5 11.40 7.10 -3.56
CA SER A 5 11.39 5.64 -3.60
C SER A 5 10.39 5.14 -2.60
N LEU A 6 9.67 4.11 -2.98
CA LEU A 6 8.67 3.63 -2.08
C LEU A 6 9.34 2.79 -1.01
N THR A 7 10.63 2.55 -1.19
CA THR A 7 11.37 1.68 -0.30
C THR A 7 11.44 2.27 1.11
N GLY A 8 11.18 1.43 2.13
CA GLY A 8 11.28 1.86 3.55
C GLY A 8 9.96 1.60 4.25
N LYS A 9 9.76 2.28 5.36
CA LYS A 9 8.57 2.15 6.16
C LYS A 9 7.72 3.39 6.08
N TRP A 10 6.41 3.16 6.15
CA TRP A 10 5.44 4.18 5.94
C TRP A 10 4.29 3.96 6.85
N THR A 11 3.59 5.05 7.19
CA THR A 11 2.39 4.94 7.99
C THR A 11 1.27 5.70 7.33
N ASN A 12 0.02 5.33 7.62
CA ASN A 12 -1.07 6.08 7.01
C ASN A 12 -2.07 6.69 7.95
N ASP A 13 -2.97 7.49 7.42
CA ASP A 13 -3.94 8.20 8.25
C ASP A 13 -4.69 7.22 9.14
N LEU A 14 -4.70 5.90 8.82
CA LEU A 14 -5.46 4.95 9.70
C LEU A 14 -4.62 4.36 10.81
N GLY A 15 -3.34 4.68 10.79
CA GLY A 15 -2.39 4.16 11.75
C GLY A 15 -1.77 2.91 11.17
N SER A 16 -2.14 2.59 9.95
CA SER A 16 -1.65 1.35 9.35
C SER A 16 -0.23 1.60 8.94
N ASN A 17 0.60 0.59 9.03
CA ASN A 17 2.02 0.72 8.69
C ASN A 17 2.25 -0.17 7.47
N MET A 18 3.30 0.13 6.68
CA MET A 18 3.77 -0.82 5.66
C MET A 18 5.25 -0.67 5.40
N THR A 19 5.86 -1.79 5.02
CA THR A 19 7.30 -1.89 4.76
C THR A 19 7.49 -2.29 3.33
N ILE A 20 8.35 -1.57 2.64
CA ILE A 20 8.54 -1.84 1.25
C ILE A 20 10.02 -1.97 1.08
N GLY A 21 10.44 -3.15 0.61
CA GLY A 21 11.81 -3.45 0.33
C GLY A 21 12.20 -2.85 -1.00
N ALA A 22 13.44 -3.14 -1.40
CA ALA A 22 14.08 -2.47 -2.50
C ALA A 22 13.27 -2.66 -3.76
N VAL A 23 13.35 -1.66 -4.62
CA VAL A 23 12.63 -1.62 -5.85
C VAL A 23 13.67 -1.87 -6.91
N ASN A 24 13.46 -2.92 -7.69
CA ASN A 24 14.40 -3.34 -8.70
C ASN A 24 14.31 -2.45 -9.94
N SER A 25 15.06 -2.77 -10.98
CA SER A 25 15.15 -1.87 -12.12
C SER A 25 13.91 -2.00 -13.00
N LYS A 26 13.09 -3.00 -12.66
CA LYS A 26 11.78 -3.14 -13.24
C LYS A 26 10.67 -2.31 -12.59
N GLY A 27 10.98 -1.60 -11.51
CA GLY A 27 9.95 -0.92 -10.74
C GLY A 27 9.28 -1.86 -9.74
N GLU A 28 9.68 -3.13 -9.69
CA GLU A 28 9.00 -4.06 -8.76
C GLU A 28 9.53 -4.09 -7.36
N PHE A 29 8.61 -4.38 -6.46
CA PHE A 29 8.88 -4.49 -5.04
C PHE A 29 7.89 -5.42 -4.30
N THR A 30 8.29 -5.94 -3.16
CA THR A 30 7.37 -6.63 -2.30
C THR A 30 7.54 -5.92 -0.95
N GLY A 31 6.84 -6.40 0.06
CA GLY A 31 6.83 -5.70 1.31
C GLY A 31 5.82 -6.39 2.18
N THR A 32 5.48 -5.74 3.30
CA THR A 32 4.46 -6.27 4.20
C THR A 32 3.58 -5.12 4.61
N TYR A 33 2.36 -5.41 5.01
CA TYR A 33 1.37 -4.40 5.41
C TYR A 33 0.74 -4.85 6.71
N THR A 34 0.74 -3.95 7.68
CA THR A 34 0.05 -4.23 8.92
C THR A 34 -1.05 -3.21 8.98
N THR A 35 -2.28 -3.69 8.87
CA THR A 35 -3.40 -2.77 8.94
C THR A 35 -3.72 -2.54 10.42
N ALA A 36 -3.96 -1.28 10.80
CA ALA A 36 -4.43 -0.93 12.13
C ALA A 36 -5.95 -1.15 12.23
N VAL A 37 -6.61 -1.49 11.12
CA VAL A 37 -8.07 -1.54 11.10
C VAL A 37 -8.55 -2.81 10.40
N THR A 38 -9.67 -3.38 10.87
CA THR A 38 -10.39 -4.45 10.16
C THR A 38 -11.85 -4.34 10.57
N ALA A 39 -12.76 -4.93 9.78
CA ALA A 39 -14.09 -5.30 10.26
C ALA A 39 -14.12 -6.83 10.58
N THR A 40 -12.92 -7.36 10.89
CA THR A 40 -12.62 -8.82 10.96
C THR A 40 -12.76 -9.40 12.39
N SER A 41 -13.47 -10.51 12.47
CA SER A 41 -13.50 -11.30 13.69
C SER A 41 -12.25 -12.19 13.78
N ASN A 42 -11.18 -11.75 13.12
CA ASN A 42 -9.91 -12.48 13.06
C ASN A 42 -8.69 -11.61 13.39
N GLU A 43 -7.74 -12.26 14.03
CA GLU A 43 -6.44 -11.69 14.35
C GLU A 43 -5.94 -11.07 13.07
N ILE A 44 -5.67 -9.75 13.11
CA ILE A 44 -4.91 -9.04 12.05
C ILE A 44 -3.52 -9.64 11.93
N LYS A 45 -3.09 -9.88 10.70
CA LYS A 45 -1.80 -10.52 10.51
C LYS A 45 -1.04 -9.66 9.56
N GLU A 46 0.23 -9.44 9.84
CA GLU A 46 1.05 -8.65 8.94
C GLU A 46 1.01 -9.46 7.66
N SER A 47 0.72 -8.78 6.56
CA SER A 47 0.39 -9.44 5.33
C SER A 47 1.28 -8.96 4.23
N PRO A 48 1.59 -9.86 3.29
CA PRO A 48 2.52 -9.47 2.22
C PRO A 48 1.85 -8.61 1.17
N LEU A 49 2.61 -7.72 0.56
CA LEU A 49 2.15 -6.95 -0.58
C LEU A 49 3.15 -7.10 -1.66
N HIS A 50 2.73 -6.74 -2.86
CA HIS A 50 3.58 -6.91 -4.01
CA HIS A 50 3.49 -7.01 -4.06
C HIS A 50 3.16 -5.87 -4.98
N GLY A 51 4.14 -5.16 -5.47
CA GLY A 51 3.83 -4.12 -6.41
C GLY A 51 4.88 -3.70 -7.39
N THR A 52 4.55 -2.58 -8.06
CA THR A 52 5.45 -1.91 -9.01
C THR A 52 5.27 -0.40 -8.85
N GLN A 53 6.36 0.32 -9.00
CA GLN A 53 6.28 1.76 -9.02
C GLN A 53 6.72 2.11 -10.42
N ASN A 54 6.21 3.22 -10.91
CA ASN A 54 6.43 3.63 -12.27
C ASN A 54 7.82 4.14 -12.48
N THR A 55 8.27 3.89 -13.69
CA THR A 55 9.64 4.15 -14.03
C THR A 55 9.71 4.56 -15.52
N ILE A 56 8.54 4.92 -16.06
CA ILE A 56 8.42 5.68 -17.35
C ILE A 56 8.61 7.21 -17.14
N ASN A 57 9.54 7.77 -17.93
CA ASN A 57 10.14 9.12 -17.74
C ASN A 57 10.94 9.32 -16.44
N LYS A 58 11.13 8.23 -15.68
CA LYS A 58 11.82 8.26 -14.39
C LYS A 58 11.48 9.57 -13.70
N ARG A 59 10.21 9.65 -13.28
CA ARG A 59 9.69 10.89 -12.71
C ARG A 59 9.96 10.91 -11.23
N THR A 60 10.31 12.09 -10.72
CA THR A 60 10.63 12.27 -9.31
C THR A 60 9.43 11.95 -8.44
N GLN A 61 8.24 11.99 -9.02
CA GLN A 61 7.04 11.80 -8.22
C GLN A 61 6.21 10.71 -8.87
N PRO A 62 6.69 9.47 -8.76
CA PRO A 62 6.15 8.39 -9.52
C PRO A 62 4.86 7.79 -8.90
N THR A 63 4.06 7.19 -9.79
CA THR A 63 2.81 6.59 -9.43
C THR A 63 3.12 5.12 -9.34
N PHE A 64 2.17 4.38 -8.84
CA PHE A 64 2.53 3.06 -8.35
C PHE A 64 1.28 2.39 -7.90
N GLY A 65 1.38 1.09 -7.77
CA GLY A 65 0.31 0.33 -7.23
C GLY A 65 0.87 -0.91 -6.62
N PHE A 66 0.08 -1.48 -5.71
CA PHE A 66 0.47 -2.75 -5.18
C PHE A 66 -0.69 -3.50 -4.61
N THR A 67 -0.55 -4.79 -4.53
CA THR A 67 -1.60 -5.59 -3.96
C THR A 67 -1.22 -6.07 -2.56
N VAL A 68 -2.14 -6.02 -1.62
CA VAL A 68 -1.86 -6.58 -0.31
C VAL A 68 -2.72 -7.81 -0.24
N ASN A 69 -2.11 -8.90 0.18
CA ASN A 69 -2.75 -10.22 0.23
C ASN A 69 -2.97 -10.57 1.71
N TRP A 70 -4.11 -10.16 2.25
CA TRP A 70 -4.44 -10.37 3.68
C TRP A 70 -4.27 -11.79 4.06
N LYS A 71 -3.48 -12.00 5.11
CA LYS A 71 -3.22 -13.31 5.67
C LYS A 71 -4.37 -13.74 6.52
N PHE A 72 -5.05 -12.79 7.14
CA PHE A 72 -6.09 -13.12 8.09
C PHE A 72 -7.53 -13.15 7.48
N SER A 73 -7.59 -13.11 6.13
CA SER A 73 -8.80 -12.76 5.30
C SER A 73 -8.85 -13.37 3.90
N GLU A 74 -10.06 -13.42 3.34
CA GLU A 74 -10.21 -13.94 2.01
C GLU A 74 -10.18 -12.84 0.97
N SER A 75 -9.95 -11.66 1.44
CA SER A 75 -9.99 -10.52 0.59
C SER A 75 -8.59 -10.09 0.10
N THR A 76 -8.60 -9.07 -0.74
CA THR A 76 -7.42 -8.49 -1.31
C THR A 76 -7.67 -7.00 -1.23
N THR A 77 -6.60 -6.26 -0.99
CA THR A 77 -6.68 -4.83 -1.25
C THR A 77 -5.62 -4.41 -2.28
N VAL A 78 -6.04 -3.60 -3.23
CA VAL A 78 -5.09 -2.97 -4.12
C VAL A 78 -5.10 -1.47 -3.87
N PHE A 79 -3.91 -0.89 -3.92
CA PHE A 79 -3.70 0.53 -3.64
C PHE A 79 -3.01 1.04 -4.84
N THR A 80 -3.32 2.27 -5.19
CA THR A 80 -2.62 2.94 -6.23
C THR A 80 -2.64 4.42 -5.87
N GLY A 81 -1.51 5.04 -6.10
CA GLY A 81 -1.32 6.40 -5.64
C GLY A 81 -0.23 6.98 -6.45
N GLN A 82 0.33 8.07 -5.91
CA GLN A 82 1.49 8.72 -6.48
C GLN A 82 2.36 9.13 -5.35
N CYS A 83 3.69 9.05 -5.51
CA CYS A 83 4.60 9.57 -4.44
C CYS A 83 4.88 11.00 -4.76
N PHE A 84 4.52 11.92 -3.87
CA PHE A 84 4.77 13.39 -4.06
C PHE A 84 5.79 13.88 -3.08
N ILE A 85 6.69 14.78 -3.53
CA ILE A 85 7.57 15.45 -2.56
C ILE A 85 7.01 16.81 -2.26
N ASP A 86 6.53 17.02 -1.03
CA ASP A 86 5.80 18.26 -0.69
C ASP A 86 6.69 19.50 -0.59
N ARG A 87 6.06 20.64 -0.27
CA ARG A 87 6.76 21.92 -0.28
C ARG A 87 8.02 21.84 0.63
N ASN A 88 8.02 20.92 1.59
CA ASN A 88 9.14 20.86 2.54
C ASN A 88 10.08 19.67 2.37
N GLY A 89 10.04 19.05 1.20
CA GLY A 89 10.97 17.95 0.88
C GLY A 89 10.49 16.64 1.46
N LYS A 90 9.25 16.65 1.96
CA LYS A 90 8.66 15.52 2.66
C LYS A 90 7.85 14.67 1.69
N GLU A 91 8.11 13.36 1.73
CA GLU A 91 7.48 12.45 0.82
C GLU A 91 6.05 12.12 1.27
N VAL A 92 5.08 12.33 0.38
CA VAL A 92 3.71 11.99 0.71
C VAL A 92 3.20 10.99 -0.28
N LEU A 93 2.72 9.86 0.21
CA LEU A 93 2.01 8.94 -0.64
C LEU A 93 0.52 9.28 -0.55
N LYS A 94 -0.03 9.61 -1.72
CA LYS A 94 -1.46 9.82 -1.82
C LYS A 94 -1.99 8.59 -2.52
N THR A 95 -2.92 7.88 -1.87
CA THR A 95 -3.40 6.64 -2.46
C THR A 95 -4.88 6.45 -2.39
N MET A 96 -5.35 5.62 -3.32
CA MET A 96 -6.71 5.11 -3.28
C MET A 96 -6.65 3.62 -3.37
N TRP A 97 -7.59 2.94 -2.73
CA TRP A 97 -7.66 1.53 -2.67
C TRP A 97 -9.03 1.02 -3.03
N LEU A 98 -9.05 -0.22 -3.49
CA LEU A 98 -10.24 -1.01 -3.66
C LEU A 98 -10.00 -2.18 -2.76
N LEU A 99 -10.90 -2.39 -1.83
CA LEU A 99 -10.78 -3.53 -0.97
C LEU A 99 -11.85 -4.54 -1.42
N ARG A 100 -11.37 -5.68 -1.95
CA ARG A 100 -12.23 -6.72 -2.52
C ARG A 100 -12.57 -7.81 -1.51
N SER A 101 -13.85 -7.92 -1.15
CA SER A 101 -14.24 -9.01 -0.30
C SER A 101 -14.49 -10.21 -1.16
N SER A 102 -14.44 -11.37 -0.52
CA SER A 102 -14.82 -12.62 -1.12
C SER A 102 -16.33 -12.82 -0.87
N VAL A 103 -17.10 -12.81 -1.97
CA VAL A 103 -18.53 -13.02 -1.90
C VAL A 103 -18.85 -14.43 -2.39
N ASN A 104 -20.01 -14.96 -1.98
CA ASN A 104 -20.31 -16.34 -2.14
C ASN A 104 -20.54 -16.70 -3.60
N ASP A 105 -21.17 -15.77 -4.31
CA ASP A 105 -21.64 -16.12 -5.61
C ASP A 105 -21.52 -14.93 -6.50
N ILE A 106 -21.28 -15.19 -7.78
CA ILE A 106 -21.13 -14.16 -8.80
C ILE A 106 -22.26 -13.14 -8.74
N GLY A 107 -23.45 -13.58 -8.36
CA GLY A 107 -24.53 -12.68 -8.06
C GLY A 107 -24.34 -11.81 -6.82
N ASP A 108 -23.26 -11.96 -6.05
CA ASP A 108 -23.09 -11.10 -4.87
C ASP A 108 -22.01 -10.11 -5.14
N ASP A 109 -21.39 -10.31 -6.30
CA ASP A 109 -20.29 -9.45 -6.77
C ASP A 109 -20.50 -7.89 -6.61
N TRP A 110 -21.73 -7.42 -6.86
CA TRP A 110 -22.04 -5.99 -6.85
C TRP A 110 -21.71 -5.37 -5.49
N LYS A 111 -21.64 -6.19 -4.46
CA LYS A 111 -21.45 -5.62 -3.17
C LYS A 111 -20.07 -5.92 -2.59
N ALA A 112 -19.18 -6.49 -3.38
CA ALA A 112 -17.90 -6.98 -2.88
C ALA A 112 -16.80 -5.95 -2.77
N THR A 113 -16.96 -4.80 -3.42
CA THR A 113 -15.82 -3.88 -3.52
C THR A 113 -15.99 -2.51 -2.78
N ARG A 114 -15.17 -2.35 -1.76
CA ARG A 114 -15.16 -1.11 -1.06
C ARG A 114 -14.04 -0.22 -1.64
N VAL A 115 -14.24 1.08 -1.56
CA VAL A 115 -13.21 2.00 -1.97
C VAL A 115 -12.89 3.05 -0.89
N GLY A 116 -11.62 3.48 -0.85
CA GLY A 116 -11.30 4.65 -0.12
C GLY A 116 -9.90 5.13 -0.40
N ILE A 117 -9.47 6.10 0.42
CA ILE A 117 -8.12 6.62 0.29
C ILE A 117 -7.28 6.29 1.49
N ASN A 118 -5.97 6.39 1.27
CA ASN A 118 -5.00 6.55 2.33
C ASN A 118 -3.90 7.46 1.94
N ILE A 119 -3.45 8.20 2.96
CA ILE A 119 -2.28 9.06 2.89
C ILE A 119 -1.20 8.46 3.79
N PHE A 120 -0.05 8.21 3.15
CA PHE A 120 1.09 7.62 3.82
C PHE A 120 2.25 8.61 3.89
N THR A 121 2.87 8.72 5.07
CA THR A 121 4.18 9.39 5.20
C THR A 121 5.21 8.47 5.86
N ARG A 122 6.47 8.89 5.81
CA ARG A 122 7.59 8.00 6.12
C ARG A 122 7.81 7.80 7.62
N LEU A 123 7.98 6.55 8.06
CA LEU A 123 8.45 6.30 9.44
C LEU A 123 9.95 6.00 9.50
N ARG A 124 10.60 6.36 10.59
CA ARG A 124 11.99 5.93 10.80
C ARG A 124 12.13 4.40 10.64
N THR A 125 13.04 3.97 9.79
CA THR A 125 13.34 2.56 9.68
C THR A 125 14.30 2.18 10.79
N GLN A 126 14.75 3.16 11.57
CA GLN A 126 15.68 2.89 12.67
C GLN A 126 14.94 3.20 13.98
N LYS A 127 14.85 2.14 14.82
CA LYS A 127 14.18 2.17 16.13
C LYS A 127 15.16 2.58 17.25
N GLU A 128 14.56 3.12 18.33
CA GLU A 128 15.22 3.45 19.60
C GLU A 128 15.32 2.26 20.62
#